data_8SHY
#
_entry.id   8SHY
#
_cell.length_a   88.112
_cell.length_b   60.968
_cell.length_c   104.352
_cell.angle_alpha   90.00
_cell.angle_beta   94.59
_cell.angle_gamma   90.00
#
_symmetry.space_group_name_H-M   'I 1 2 1'
#
loop_
_entity.id
_entity.type
_entity.pdbx_description
1 polymer 'Cyclic GMP-AMP synthase'
2 non-polymer 'ZINC ION'
3 non-polymer "ADENOSINE-5'-TRIPHOSPHATE"
4 water water
#
_entity_poly.entity_id   1
_entity_poly.type   'polypeptide(L)'
_entity_poly.pdbx_seq_one_letter_code
;GTGPDKLKKVLDKLRLKRKDISEAAETVNKVVERLLRRMQKRESEFKGVEQLNTGSYYEHVKISAPNQFNVMFKLEVPRI
ELQEYYETGAFYLVKFKRIPRGNPLSHFLEGEVLSATKMLSKFRKIIKEEVKEIKDIDVSVEKEKPGSPAVTLLIRNPEE
ISVDIILALESKGSWPISTKEGLPIQGWLGTKVRTNLRREPFYLVPKNAKDGNSFQGETWRLSFSHTEKYILNNHGIEKT
CCESSGAKCCRKECLKLMKYLLEQLKKEFQELDAFCSYHVKTAIFHMWTQDPQDSQWDPRNLSSCFDKLLAFFLECLRTE
KLDHYFIPKFNLFSQELIDRKSKEFLSKKIEYERNNGFPIFDKL
;
_entity_poly.pdbx_strand_id   C
#
loop_
_chem_comp.id
_chem_comp.type
_chem_comp.name
_chem_comp.formula
ATP non-polymer ADENOSINE-5'-TRIPHOSPHATE 'C10 H16 N5 O13 P3'
ZN non-polymer 'ZINC ION' 'Zn 2'
#
# COMPACT_ATOMS: atom_id res chain seq x y z
N GLY A 1 -17.94 -24.44 15.83
CA GLY A 1 -18.77 -25.02 14.80
C GLY A 1 -19.55 -23.97 14.02
N THR A 2 -20.08 -22.97 14.72
CA THR A 2 -20.96 -22.00 14.06
C THR A 2 -20.19 -21.05 13.15
N GLY A 3 -20.94 -20.39 12.26
CA GLY A 3 -20.36 -19.38 11.39
C GLY A 3 -19.56 -18.32 12.12
N PRO A 4 -20.15 -17.69 13.15
CA PRO A 4 -19.36 -16.70 13.92
C PRO A 4 -18.13 -17.28 14.58
N ASP A 5 -18.23 -18.47 15.17
CA ASP A 5 -17.05 -19.08 15.78
C ASP A 5 -15.98 -19.44 14.75
N LYS A 6 -16.38 -19.83 13.53
CA LYS A 6 -15.39 -20.16 12.49
C LYS A 6 -14.60 -18.92 12.09
N LEU A 7 -15.26 -17.77 11.99
CA LEU A 7 -14.56 -16.55 11.63
C LEU A 7 -13.57 -16.16 12.72
N LYS A 8 -13.96 -16.29 14.00
CA LYS A 8 -13.01 -16.05 15.09
C LYS A 8 -11.81 -16.98 14.98
N LYS A 9 -12.05 -18.25 14.60
CA LYS A 9 -10.96 -19.20 14.43
C LYS A 9 -9.99 -18.75 13.33
N VAL A 10 -10.51 -18.21 12.23
CA VAL A 10 -9.61 -17.67 11.19
C VAL A 10 -8.74 -16.56 11.75
N LEU A 11 -9.32 -15.65 12.55
CA LEU A 11 -8.50 -14.58 13.13
C LEU A 11 -7.41 -15.15 14.06
N ASP A 12 -7.75 -16.20 14.83
CA ASP A 12 -6.70 -16.86 15.61
C ASP A 12 -5.58 -17.39 14.73
N LYS A 13 -5.94 -18.02 13.62
CA LYS A 13 -4.95 -18.53 12.67
C LYS A 13 -4.06 -17.39 12.16
N LEU A 14 -4.66 -16.26 11.81
CA LEU A 14 -3.88 -15.11 11.36
C LEU A 14 -2.99 -14.56 12.49
N ARG A 15 -3.51 -14.53 13.71
CA ARG A 15 -2.69 -14.11 14.86
C ARG A 15 -1.42 -14.96 14.98
N LEU A 16 -1.55 -16.27 14.77
CA LEU A 16 -0.38 -17.13 14.91
C LEU A 16 0.66 -16.85 13.83
N LYS A 17 0.22 -16.48 12.63
CA LYS A 17 1.19 -16.18 11.57
C LYS A 17 2.02 -14.94 11.89
N ARG A 18 1.59 -14.09 12.83
CA ARG A 18 2.29 -12.83 13.03
C ARG A 18 3.64 -13.02 13.73
N LYS A 19 3.84 -14.14 14.42
CA LYS A 19 5.09 -14.33 15.15
C LYS A 19 6.26 -14.49 14.19
N ASP A 20 6.10 -15.34 13.16
CA ASP A 20 7.15 -15.47 12.15
C ASP A 20 7.35 -14.15 11.40
N ILE A 21 6.26 -13.44 11.14
CA ILE A 21 6.36 -12.18 10.40
C ILE A 21 7.13 -11.14 11.22
N SER A 22 6.84 -11.05 12.52
CA SER A 22 7.56 -10.12 13.38
C SER A 22 9.04 -10.46 13.45
N GLU A 23 9.38 -11.75 13.59
CA GLU A 23 10.78 -12.16 13.64
C GLU A 23 11.51 -11.85 12.35
N ALA A 24 10.87 -12.12 11.21
CA ALA A 24 11.50 -11.79 9.93
C ALA A 24 11.67 -10.28 9.78
N ALA A 25 10.72 -9.50 10.29
CA ALA A 25 10.82 -8.05 10.16
C ALA A 25 12.00 -7.50 10.97
N GLU A 26 12.34 -8.14 12.08
CA GLU A 26 13.50 -7.71 12.86
C GLU A 26 14.77 -7.83 12.03
N THR A 27 14.88 -8.90 11.24
CA THR A 27 16.03 -9.07 10.36
C THR A 27 15.98 -8.06 9.22
N VAL A 28 14.80 -7.84 8.66
CA VAL A 28 14.67 -6.85 7.59
C VAL A 28 15.07 -5.48 8.10
N ASN A 29 14.60 -5.12 9.31
CA ASN A 29 14.93 -3.80 9.85
C ASN A 29 16.43 -3.66 10.10
N LYS A 30 17.09 -4.73 10.56
CA LYS A 30 18.54 -4.67 10.75
C LYS A 30 19.24 -4.31 9.44
N VAL A 31 18.86 -4.99 8.35
CA VAL A 31 19.52 -4.76 7.07
C VAL A 31 19.18 -3.38 6.54
N VAL A 32 17.89 -3.02 6.58
CA VAL A 32 17.46 -1.73 6.07
C VAL A 32 18.16 -0.59 6.80
N GLU A 33 18.25 -0.68 8.13
CA GLU A 33 18.95 0.37 8.86
C GLU A 33 20.41 0.44 8.49
N ARG A 34 21.07 -0.71 8.33
CA ARG A 34 22.47 -0.72 7.93
C ARG A 34 22.63 -0.07 6.56
N LEU A 35 21.75 -0.44 5.61
CA LEU A 35 21.84 0.14 4.27
C LEU A 35 21.60 1.65 4.29
N LEU A 36 20.58 2.09 5.03
CA LEU A 36 20.30 3.53 5.13
C LEU A 36 21.48 4.29 5.71
N ARG A 37 22.14 3.74 6.73
CA ARG A 37 23.31 4.43 7.28
C ARG A 37 24.39 4.60 6.21
N ARG A 38 24.61 3.57 5.39
CA ARG A 38 25.63 3.67 4.35
C ARG A 38 25.26 4.71 3.30
N MET A 39 23.98 4.74 2.95
CA MET A 39 23.46 5.69 1.98
C MET A 39 23.52 7.11 2.49
N GLN A 40 23.31 7.31 3.80
CA GLN A 40 23.38 8.64 4.37
C GLN A 40 24.81 9.12 4.54
N LYS A 41 25.78 8.21 4.62
CA LYS A 41 27.18 8.60 4.69
C LYS A 41 27.79 8.92 3.33
N ARG A 42 27.31 8.26 2.28
CA ARG A 42 27.87 8.44 0.94
C ARG A 42 27.38 9.76 0.32
N GLU A 43 28.25 10.44 -0.43
CA GLU A 43 27.81 11.64 -1.14
C GLU A 43 27.11 11.25 -2.44
N SER A 44 25.83 11.60 -2.56
CA SER A 44 25.08 11.38 -3.80
C SER A 44 23.78 12.15 -3.70
N GLU A 45 23.01 12.13 -4.80
CA GLU A 45 21.67 12.71 -4.82
C GLU A 45 20.73 12.06 -3.81
N PHE A 46 21.09 10.88 -3.31
CA PHE A 46 20.23 10.11 -2.43
C PHE A 46 20.70 10.16 -0.97
N LYS A 47 21.66 11.05 -0.66
CA LYS A 47 22.19 11.13 0.69
C LYS A 47 21.10 11.44 1.73
N GLY A 48 20.05 12.17 1.33
CA GLY A 48 18.98 12.51 2.25
C GLY A 48 17.91 11.45 2.44
N VAL A 49 18.10 10.24 1.92
CA VAL A 49 17.06 9.21 1.96
C VAL A 49 16.78 8.80 3.41
N GLU A 50 15.51 8.46 3.70
CA GLU A 50 15.07 8.02 5.02
C GLU A 50 14.03 6.93 4.84
N GLN A 51 13.88 6.03 5.82
CA GLN A 51 12.77 5.08 5.71
C GLN A 51 11.46 5.78 6.02
N LEU A 52 10.46 5.50 5.20
CA LEU A 52 9.09 5.85 5.50
C LEU A 52 8.48 4.58 6.11
N ASN A 53 8.16 4.62 7.40
CA ASN A 53 7.69 3.43 8.12
C ASN A 53 6.19 3.25 7.93
N THR A 54 5.82 2.92 6.71
CA THR A 54 4.43 2.74 6.31
C THR A 54 4.28 1.37 5.66
N GLY A 55 3.07 1.04 5.24
CA GLY A 55 2.80 -0.25 4.65
C GLY A 55 2.16 -1.19 5.66
N SER A 56 1.74 -2.37 5.15
CA SER A 56 0.89 -3.25 5.96
C SER A 56 1.58 -3.72 7.24
N TYR A 57 2.91 -3.91 7.21
CA TYR A 57 3.57 -4.37 8.42
C TYR A 57 3.43 -3.34 9.54
N TYR A 58 3.66 -2.07 9.24
CA TYR A 58 3.60 -1.03 10.27
C TYR A 58 2.16 -0.64 10.61
N GLU A 59 1.20 -1.01 9.76
CA GLU A 59 -0.22 -0.87 10.04
C GLU A 59 -0.77 -2.04 10.84
N HIS A 60 0.06 -3.06 11.08
CA HIS A 60 -0.32 -4.26 11.81
C HIS A 60 -1.35 -5.09 11.06
N VAL A 61 -1.30 -5.10 9.72
CA VAL A 61 -2.26 -5.88 8.95
C VAL A 61 -1.54 -6.67 7.86
N LYS A 62 -0.25 -6.92 8.04
CA LYS A 62 0.44 -7.87 7.17
C LYS A 62 0.11 -9.26 7.68
N ILE A 63 -0.62 -10.06 6.89
CA ILE A 63 -1.18 -11.31 7.38
C ILE A 63 -0.49 -12.55 6.84
N SER A 64 0.46 -12.40 5.92
CA SER A 64 1.06 -13.56 5.30
C SER A 64 2.46 -13.19 4.82
N ALA A 65 3.16 -14.21 4.30
CA ALA A 65 4.42 -14.07 3.58
C ALA A 65 5.49 -13.46 4.46
N PRO A 66 5.95 -14.14 5.51
CA PRO A 66 7.11 -13.62 6.27
C PRO A 66 8.39 -13.60 5.45
N ASN A 67 8.38 -14.12 4.21
CA ASN A 67 9.56 -14.09 3.36
C ASN A 67 9.53 -12.95 2.35
N GLN A 68 8.59 -12.02 2.47
CA GLN A 68 8.48 -10.92 1.49
C GLN A 68 8.04 -9.66 2.21
N PHE A 69 8.81 -8.58 2.03
CA PHE A 69 8.52 -7.30 2.66
C PHE A 69 8.69 -6.18 1.65
N ASN A 70 7.95 -5.10 1.85
CA ASN A 70 8.03 -3.91 1.01
C ASN A 70 8.49 -2.78 1.90
N VAL A 71 9.49 -2.03 1.44
CA VAL A 71 10.06 -0.94 2.21
C VAL A 71 10.11 0.29 1.32
N MET A 72 9.77 1.45 1.86
CA MET A 72 9.79 2.70 1.12
C MET A 72 10.91 3.59 1.62
N PHE A 73 11.75 4.07 0.70
CA PHE A 73 12.77 5.06 1.02
C PHE A 73 12.29 6.38 0.44
N LYS A 74 12.05 7.36 1.30
CA LYS A 74 11.60 8.67 0.84
C LYS A 74 12.80 9.60 0.63
N LEU A 75 12.68 10.47 -0.37
CA LEU A 75 13.69 11.48 -0.64
C LEU A 75 13.00 12.82 -0.80
N GLU A 76 13.31 13.77 0.06
CA GLU A 76 12.73 15.10 -0.07
C GLU A 76 13.28 15.79 -1.31
N VAL A 77 12.36 16.30 -2.13
CA VAL A 77 12.72 16.97 -3.37
C VAL A 77 12.00 18.32 -3.39
N PRO A 78 12.72 19.42 -3.21
CA PRO A 78 12.06 20.72 -3.14
C PRO A 78 11.62 21.21 -4.52
N ARG A 79 10.59 22.06 -4.51
CA ARG A 79 10.15 22.82 -5.68
C ARG A 79 9.72 21.91 -6.83
N ILE A 80 8.94 20.88 -6.51
CA ILE A 80 8.37 20.02 -7.53
C ILE A 80 7.17 20.71 -8.16
N GLU A 81 7.16 20.77 -9.49
CA GLU A 81 6.01 21.19 -10.27
C GLU A 81 5.39 19.95 -10.89
N LEU A 82 4.15 19.64 -10.52
CA LEU A 82 3.50 18.46 -11.04
C LEU A 82 2.73 18.79 -12.31
N GLN A 83 2.73 17.85 -13.25
CA GLN A 83 1.87 17.90 -14.41
C GLN A 83 1.02 16.63 -14.45
N GLU A 84 -0.31 16.80 -14.44
CA GLU A 84 -1.18 15.64 -14.60
C GLU A 84 -0.89 14.97 -15.93
N TYR A 85 -0.64 13.67 -15.89
CA TYR A 85 -0.46 12.89 -17.12
C TYR A 85 -1.78 12.27 -17.55
N TYR A 86 -2.50 11.69 -16.60
CA TYR A 86 -3.93 11.42 -16.68
C TYR A 86 -4.67 12.49 -15.88
N GLU A 87 -5.70 13.09 -16.47
CA GLU A 87 -6.41 14.15 -15.77
C GLU A 87 -7.27 13.63 -14.61
N THR A 88 -7.37 12.29 -14.47
CA THR A 88 -7.95 11.69 -13.26
C THR A 88 -7.01 11.79 -12.06
N GLY A 89 -5.72 12.03 -12.28
CA GLY A 89 -4.76 12.00 -11.19
C GLY A 89 -4.08 10.67 -11.01
N ALA A 90 -4.28 9.73 -11.94
CA ALA A 90 -3.67 8.42 -11.80
C ALA A 90 -2.16 8.48 -12.01
N PHE A 91 -1.69 9.41 -12.84
CA PHE A 91 -0.25 9.51 -13.17
C PHE A 91 0.13 10.97 -13.31
N TYR A 92 1.41 11.25 -13.01
CA TYR A 92 1.97 12.58 -13.06
C TYR A 92 3.35 12.54 -13.70
N LEU A 93 3.71 13.60 -14.39
CA LEU A 93 5.10 13.90 -14.70
C LEU A 93 5.60 14.91 -13.68
N VAL A 94 6.87 14.78 -13.31
CA VAL A 94 7.50 15.68 -12.35
C VAL A 94 8.38 16.64 -13.12
N LYS A 95 8.16 17.94 -12.92
CA LYS A 95 9.01 19.02 -13.42
C LYS A 95 9.40 19.91 -12.23
N PHE A 96 10.14 20.97 -12.49
CA PHE A 96 10.70 21.80 -11.43
C PHE A 96 10.47 23.28 -11.70
N LYS A 97 10.30 24.04 -10.60
CA LYS A 97 10.01 25.47 -10.66
C LYS A 97 11.22 26.27 -11.19
N GLY A 102 19.93 26.15 -9.00
CA GLY A 102 20.38 24.87 -9.52
C GLY A 102 19.61 23.73 -8.88
N ASN A 103 19.58 22.60 -9.59
CA ASN A 103 18.74 21.48 -9.21
C ASN A 103 19.61 20.31 -8.78
N PRO A 104 19.46 19.80 -7.55
CA PRO A 104 20.25 18.62 -7.15
C PRO A 104 20.01 17.40 -8.03
N LEU A 105 18.80 17.27 -8.58
CA LEU A 105 18.47 16.15 -9.45
C LEU A 105 18.71 16.45 -10.94
N SER A 106 19.45 17.51 -11.27
CA SER A 106 19.59 17.92 -12.67
C SER A 106 20.16 16.81 -13.55
N HIS A 107 20.92 15.87 -12.97
CA HIS A 107 21.46 14.76 -13.75
C HIS A 107 20.38 13.78 -14.23
N PHE A 108 19.19 13.82 -13.66
CA PHE A 108 18.14 12.87 -14.01
C PHE A 108 17.07 13.47 -14.92
N LEU A 109 17.30 14.65 -15.48
CA LEU A 109 16.30 15.28 -16.32
C LEU A 109 16.38 14.77 -17.75
N GLU A 110 15.20 14.58 -18.34
CA GLU A 110 15.00 14.43 -19.79
C GLU A 110 14.29 15.71 -20.20
N GLY A 111 15.08 16.70 -20.61
CA GLY A 111 14.54 18.01 -20.88
C GLY A 111 14.12 18.67 -19.58
N GLU A 112 12.83 18.97 -19.45
CA GLU A 112 12.30 19.54 -18.23
C GLU A 112 11.63 18.49 -17.32
N VAL A 113 11.58 17.24 -17.76
CA VAL A 113 10.87 16.18 -17.03
C VAL A 113 11.87 15.34 -16.23
N LEU A 114 11.52 15.03 -14.98
CA LEU A 114 12.36 14.15 -14.18
C LEU A 114 12.21 12.71 -14.68
N SER A 115 13.32 12.08 -15.00
CA SER A 115 13.28 10.72 -15.55
C SER A 115 13.35 9.73 -14.40
N ALA A 116 12.24 9.02 -14.16
CA ALA A 116 12.28 7.93 -13.19
C ALA A 116 13.30 6.87 -13.60
N THR A 117 13.40 6.60 -14.90
CA THR A 117 14.36 5.61 -15.38
C THR A 117 15.78 5.96 -14.96
N LYS A 118 16.21 7.20 -15.23
CA LYS A 118 17.56 7.62 -14.90
C LYS A 118 17.80 7.62 -13.40
N MET A 119 16.82 8.11 -12.65
CA MET A 119 16.99 8.26 -11.22
C MET A 119 17.04 6.90 -10.55
N LEU A 120 16.19 5.96 -11.01
CA LEU A 120 16.18 4.61 -10.44
C LEU A 120 17.44 3.84 -10.83
N SER A 121 17.97 4.09 -12.02
CA SER A 121 19.20 3.42 -12.43
C SER A 121 20.35 3.77 -11.49
N LYS A 122 20.47 5.04 -11.11
CA LYS A 122 21.52 5.46 -10.18
C LYS A 122 21.24 4.95 -8.77
N PHE A 123 19.98 5.03 -8.35
CA PHE A 123 19.57 4.46 -7.06
C PHE A 123 20.02 3.00 -6.97
N ARG A 124 19.68 2.21 -7.98
CA ARG A 124 20.03 0.79 -7.97
C ARG A 124 21.55 0.61 -7.97
N LYS A 125 22.24 1.39 -8.80
CA LYS A 125 23.71 1.30 -8.84
C LYS A 125 24.32 1.50 -7.46
N ILE A 126 23.88 2.54 -6.75
CA ILE A 126 24.41 2.85 -5.42
C ILE A 126 24.03 1.78 -4.40
N ILE A 127 22.76 1.35 -4.40
CA ILE A 127 22.36 0.31 -3.46
C ILE A 127 23.22 -0.95 -3.66
N LYS A 128 23.44 -1.35 -4.92
CA LYS A 128 24.25 -2.53 -5.18
C LYS A 128 25.67 -2.38 -4.63
N GLU A 129 26.27 -1.19 -4.77
CA GLU A 129 27.63 -1.01 -4.25
C GLU A 129 27.65 -1.08 -2.73
N GLU A 130 26.71 -0.42 -2.08
CA GLU A 130 26.75 -0.31 -0.62
C GLU A 130 26.32 -1.62 0.04
N VAL A 131 25.42 -2.38 -0.58
CA VAL A 131 25.01 -3.67 0.00
C VAL A 131 26.19 -4.63 0.04
N LYS A 132 27.08 -4.56 -0.96
CA LYS A 132 28.27 -5.42 -0.95
C LYS A 132 29.19 -5.15 0.23
N GLU A 133 29.07 -3.99 0.88
CA GLU A 133 29.91 -3.67 2.03
C GLU A 133 29.31 -4.11 3.36
N ILE A 134 28.12 -4.68 3.34
CA ILE A 134 27.47 -5.18 4.55
C ILE A 134 28.03 -6.58 4.77
N LYS A 135 28.92 -6.71 5.74
CA LYS A 135 29.73 -7.91 5.84
C LYS A 135 29.18 -8.94 6.83
N ASP A 136 28.34 -8.52 7.76
CA ASP A 136 27.93 -9.39 8.88
C ASP A 136 26.49 -9.87 8.76
N ILE A 137 25.83 -9.56 7.65
CA ILE A 137 24.55 -10.16 7.29
C ILE A 137 24.67 -10.65 5.86
N ASP A 138 24.06 -11.80 5.57
CA ASP A 138 24.11 -12.39 4.25
C ASP A 138 23.02 -11.73 3.40
N VAL A 139 23.41 -10.76 2.56
CA VAL A 139 22.42 -9.99 1.80
C VAL A 139 23.01 -9.67 0.43
N SER A 140 22.17 -9.76 -0.61
CA SER A 140 22.55 -9.46 -1.97
C SER A 140 21.41 -8.73 -2.64
N VAL A 141 21.67 -8.22 -3.84
CA VAL A 141 20.65 -7.52 -4.61
C VAL A 141 20.18 -8.43 -5.75
N GLU A 142 18.87 -8.61 -5.85
CA GLU A 142 18.30 -9.42 -6.93
C GLU A 142 18.54 -8.76 -8.28
N LYS A 143 18.81 -9.58 -9.30
CA LYS A 143 19.00 -9.07 -10.65
C LYS A 143 17.77 -8.27 -11.06
N GLU A 144 17.99 -7.17 -11.77
CA GLU A 144 16.89 -6.29 -12.16
C GLU A 144 15.92 -7.02 -13.08
N LYS A 145 14.61 -6.86 -12.80
CA LYS A 145 13.53 -7.36 -13.65
C LYS A 145 12.94 -6.20 -14.44
N PRO A 146 12.85 -6.29 -15.76
CA PRO A 146 12.23 -5.20 -16.52
C PRO A 146 10.75 -5.07 -16.15
N GLY A 147 10.29 -3.83 -16.05
CA GLY A 147 8.96 -3.56 -15.57
C GLY A 147 8.80 -3.50 -14.06
N SER A 148 9.87 -3.68 -13.31
CA SER A 148 9.82 -3.67 -11.84
C SER A 148 10.73 -2.57 -11.30
N PRO A 149 10.16 -1.46 -10.80
CA PRO A 149 11.02 -0.37 -10.31
C PRO A 149 11.67 -0.66 -8.96
N ALA A 150 11.18 -1.65 -8.23
CA ALA A 150 11.75 -1.96 -6.92
C ALA A 150 13.18 -2.45 -7.08
N VAL A 151 14.02 -2.07 -6.13
CA VAL A 151 15.34 -2.69 -5.97
C VAL A 151 15.16 -3.73 -4.87
N THR A 152 15.34 -5.01 -5.20
CA THR A 152 14.99 -6.09 -4.29
C THR A 152 16.25 -6.65 -3.62
N LEU A 153 16.26 -6.62 -2.29
CA LEU A 153 17.30 -7.26 -1.49
C LEU A 153 16.92 -8.71 -1.22
N LEU A 154 17.91 -9.59 -1.24
CA LEU A 154 17.73 -10.97 -0.81
C LEU A 154 18.56 -11.18 0.44
N ILE A 155 17.88 -11.46 1.56
CA ILE A 155 18.52 -11.69 2.85
C ILE A 155 18.41 -13.17 3.15
N ARG A 156 19.49 -13.80 3.61
CA ARG A 156 19.46 -15.21 4.00
C ARG A 156 19.77 -15.32 5.48
N ASN A 157 18.80 -15.82 6.26
CA ASN A 157 18.84 -15.69 7.71
C ASN A 157 18.70 -16.97 8.54
N PRO A 158 18.85 -18.20 8.00
CA PRO A 158 19.40 -18.66 6.72
C PRO A 158 18.36 -18.75 5.61
N GLU A 159 17.07 -18.71 5.94
CA GLU A 159 16.03 -18.75 4.92
C GLU A 159 15.95 -17.40 4.20
N GLU A 160 15.53 -17.44 2.94
CA GLU A 160 15.54 -16.23 2.12
C GLU A 160 14.35 -15.33 2.44
N ILE A 161 14.64 -14.05 2.62
CA ILE A 161 13.63 -13.00 2.75
C ILE A 161 13.90 -12.01 1.64
N SER A 162 12.88 -11.70 0.84
CA SER A 162 12.97 -10.69 -0.21
C SER A 162 12.44 -9.36 0.30
N VAL A 163 13.16 -8.28 0.03
CA VAL A 163 12.75 -6.96 0.48
C VAL A 163 12.73 -6.03 -0.73
N ASP A 164 11.54 -5.61 -1.16
CA ASP A 164 11.41 -4.65 -2.25
C ASP A 164 11.59 -3.23 -1.71
N ILE A 165 12.62 -2.53 -2.20
CA ILE A 165 12.87 -1.14 -1.82
C ILE A 165 12.30 -0.23 -2.90
N ILE A 166 11.34 0.62 -2.50
CA ILE A 166 10.66 1.54 -3.39
C ILE A 166 11.15 2.96 -3.10
N LEU A 167 11.64 3.64 -4.13
CA LEU A 167 12.00 5.03 -3.97
C LEU A 167 10.73 5.87 -4.08
N ALA A 168 10.53 6.79 -3.13
CA ALA A 168 9.39 7.69 -3.12
C ALA A 168 9.87 9.12 -2.99
N LEU A 169 9.50 9.98 -3.93
CA LEU A 169 9.79 11.40 -3.75
C LEU A 169 8.84 12.01 -2.74
N GLU A 170 9.36 12.88 -1.88
CA GLU A 170 8.55 13.59 -0.89
C GLU A 170 8.41 15.04 -1.29
N SER A 171 7.17 15.50 -1.41
CA SER A 171 6.90 16.91 -1.70
C SER A 171 6.14 17.53 -0.53
N LYS A 172 6.63 18.68 -0.06
CA LYS A 172 5.96 19.41 1.00
C LYS A 172 4.99 20.47 0.48
N GLY A 173 4.76 20.52 -0.83
CA GLY A 173 3.77 21.44 -1.37
C GLY A 173 2.37 21.00 -1.05
N SER A 174 1.38 21.82 -1.43
CA SER A 174 0.01 21.43 -1.16
C SER A 174 -0.37 20.24 -2.05
N TRP A 175 -1.31 19.43 -1.58
CA TRP A 175 -1.66 18.22 -2.31
C TRP A 175 -2.22 18.57 -3.68
N PRO A 176 -2.06 17.68 -4.66
CA PRO A 176 -2.54 17.96 -6.02
C PRO A 176 -4.04 18.19 -6.10
N ILE A 177 -4.45 18.97 -7.10
CA ILE A 177 -5.86 19.29 -7.22
C ILE A 177 -6.72 18.05 -7.44
N SER A 178 -6.15 16.97 -7.99
CA SER A 178 -6.92 15.74 -8.17
C SER A 178 -7.40 15.16 -6.85
N THR A 179 -6.82 15.57 -5.72
CA THR A 179 -7.20 15.05 -4.41
C THR A 179 -8.18 15.96 -3.69
N LYS A 180 -8.67 17.01 -4.36
CA LYS A 180 -9.48 18.01 -3.69
C LYS A 180 -10.63 17.42 -2.89
N GLU A 181 -11.39 16.49 -3.49
CA GLU A 181 -12.54 15.88 -2.85
C GLU A 181 -12.22 14.50 -2.28
N GLY A 182 -10.96 14.12 -2.26
CA GLY A 182 -10.57 12.85 -1.65
C GLY A 182 -10.52 12.93 -0.13
N LEU A 183 -10.08 11.83 0.48
CA LEU A 183 -10.02 11.72 1.93
C LEU A 183 -11.32 12.19 2.58
N PRO A 184 -12.47 11.58 2.21
CA PRO A 184 -13.78 12.05 2.70
C PRO A 184 -14.09 11.59 4.13
N ILE A 185 -13.26 12.03 5.07
CA ILE A 185 -13.33 11.56 6.46
C ILE A 185 -14.13 12.50 7.37
N GLN A 186 -14.79 13.51 6.81
CA GLN A 186 -15.39 14.58 7.64
C GLN A 186 -16.40 14.06 8.66
N GLY A 187 -17.16 13.03 8.34
CA GLY A 187 -18.18 12.56 9.27
C GLY A 187 -17.71 11.47 10.19
N TRP A 188 -16.42 11.12 10.08
CA TRP A 188 -15.87 9.94 10.74
C TRP A 188 -14.70 10.38 11.62
N LEU A 189 -13.56 10.76 11.02
CA LEU A 189 -12.44 11.30 11.78
C LEU A 189 -12.51 12.82 11.95
N GLY A 190 -13.29 13.50 11.12
CA GLY A 190 -13.58 14.89 11.36
C GLY A 190 -12.81 15.85 10.46
N THR A 191 -13.23 17.11 10.51
CA THR A 191 -12.66 18.14 9.65
C THR A 191 -11.30 18.61 10.16
N LYS A 192 -11.13 18.68 11.49
CA LYS A 192 -9.84 19.07 12.02
C LYS A 192 -8.77 18.04 11.65
N VAL A 193 -9.09 16.75 11.75
CA VAL A 193 -8.13 15.71 11.35
C VAL A 193 -7.83 15.82 9.86
N ARG A 194 -8.87 15.98 9.02
CA ARG A 194 -8.65 16.10 7.59
C ARG A 194 -7.72 17.26 7.26
N THR A 195 -7.92 18.42 7.90
CA THR A 195 -7.08 19.59 7.64
C THR A 195 -5.63 19.29 7.99
N ASN A 196 -5.41 18.64 9.13
CA ASN A 196 -4.06 18.34 9.58
C ASN A 196 -3.39 17.32 8.68
N LEU A 197 -4.12 16.29 8.25
CA LEU A 197 -3.55 15.28 7.35
C LEU A 197 -3.16 15.89 6.00
N ARG A 198 -3.98 16.79 5.48
CA ARG A 198 -3.67 17.41 4.20
C ARG A 198 -2.55 18.44 4.28
N ARG A 199 -2.12 18.82 5.49
CA ARG A 199 -0.94 19.70 5.60
C ARG A 199 0.36 18.92 5.57
N GLU A 200 0.29 17.60 5.68
CA GLU A 200 1.47 16.76 5.61
C GLU A 200 1.98 16.67 4.17
N PRO A 201 3.21 16.19 3.98
CA PRO A 201 3.72 16.00 2.61
C PRO A 201 2.90 14.97 1.86
N PHE A 202 3.17 14.86 0.57
CA PHE A 202 2.67 13.72 -0.19
C PHE A 202 3.84 13.10 -0.92
N TYR A 203 3.63 11.91 -1.45
CA TYR A 203 4.73 11.15 -2.05
C TYR A 203 4.43 10.79 -3.49
N LEU A 204 5.49 10.61 -4.27
CA LEU A 204 5.40 10.20 -5.65
C LEU A 204 6.25 8.94 -5.82
N VAL A 205 5.66 7.92 -6.43
CA VAL A 205 6.31 6.62 -6.62
C VAL A 205 6.36 6.32 -8.10
N PRO A 206 7.50 5.87 -8.65
CA PRO A 206 7.57 5.62 -10.09
C PRO A 206 6.66 4.47 -10.50
N LYS A 207 5.93 4.66 -11.59
CA LYS A 207 5.03 3.62 -12.10
C LYS A 207 4.72 3.91 -13.55
N ASN A 208 4.95 2.92 -14.42
CA ASN A 208 4.71 3.09 -15.85
C ASN A 208 3.23 3.00 -16.17
N ALA A 209 2.79 3.88 -17.07
CA ALA A 209 1.40 3.84 -17.52
C ALA A 209 1.15 2.70 -18.50
N LYS A 210 2.08 2.46 -19.42
CA LYS A 210 1.91 1.53 -20.54
C LYS A 210 0.67 1.91 -21.35
N ASP A 211 0.88 2.73 -22.37
CA ASP A 211 -0.21 3.21 -23.23
C ASP A 211 0.36 3.76 -24.54
N GLY A 212 -0.14 4.93 -24.99
CA GLY A 212 0.43 5.58 -26.15
C GLY A 212 1.86 6.06 -25.93
N ASN A 213 2.27 6.19 -24.67
CA ASN A 213 3.65 6.39 -24.26
C ASN A 213 4.17 7.80 -24.55
N SER A 214 5.27 7.88 -25.30
CA SER A 214 6.19 9.02 -25.33
C SER A 214 6.88 9.11 -23.97
N PHE A 215 6.15 9.50 -22.92
CA PHE A 215 6.71 9.61 -21.58
C PHE A 215 6.45 8.38 -20.74
N GLN A 216 6.07 7.27 -21.37
CA GLN A 216 6.13 5.98 -20.69
C GLN A 216 7.56 5.75 -20.21
N GLY A 217 7.71 5.38 -18.94
CA GLY A 217 8.98 5.30 -18.28
C GLY A 217 9.22 6.43 -17.29
N GLU A 218 8.55 7.57 -17.48
CA GLU A 218 8.83 8.79 -16.72
C GLU A 218 7.61 9.28 -15.94
N THR A 219 6.65 8.42 -15.70
CA THR A 219 5.46 8.78 -14.96
C THR A 219 5.56 8.29 -13.52
N TRP A 220 4.76 8.94 -12.66
CA TRP A 220 4.75 8.69 -11.23
C TRP A 220 3.31 8.62 -10.75
N ARG A 221 3.06 7.82 -9.72
CA ARG A 221 1.75 7.78 -9.09
C ARG A 221 1.82 8.42 -7.71
N LEU A 222 0.71 9.05 -7.29
CA LEU A 222 0.68 9.60 -5.95
C LEU A 222 0.66 8.46 -4.94
N SER A 223 1.27 8.71 -3.77
CA SER A 223 1.26 7.75 -2.67
C SER A 223 0.91 8.49 -1.39
N PHE A 224 -0.02 7.93 -0.62
CA PHE A 224 -0.40 8.52 0.65
C PHE A 224 -0.22 7.49 1.74
N SER A 225 0.88 6.73 1.68
CA SER A 225 1.04 5.61 2.60
C SER A 225 1.15 6.08 4.05
N HIS A 226 1.67 7.30 4.28
CA HIS A 226 1.73 7.84 5.63
C HIS A 226 0.33 8.16 6.16
N THR A 227 -0.49 8.81 5.33
CA THR A 227 -1.88 9.07 5.72
C THR A 227 -2.62 7.78 5.99
N GLU A 228 -2.45 6.79 5.13
CA GLU A 228 -3.13 5.51 5.31
C GLU A 228 -2.71 4.84 6.60
N LYS A 229 -1.42 4.90 6.95
CA LYS A 229 -0.99 4.33 8.22
C LYS A 229 -1.65 5.05 9.39
N TYR A 230 -1.71 6.38 9.31
CA TYR A 230 -2.36 7.15 10.36
C TYR A 230 -3.82 6.72 10.52
N ILE A 231 -4.53 6.59 9.41
CA ILE A 231 -5.95 6.22 9.48
C ILE A 231 -6.11 4.82 10.06
N LEU A 232 -5.30 3.87 9.60
CA LEU A 232 -5.40 2.50 10.14
C LEU A 232 -5.15 2.47 11.63
N ASN A 233 -4.25 3.29 12.13
CA ASN A 233 -3.91 3.25 13.54
C ASN A 233 -4.72 4.23 14.38
N ASN A 234 -5.55 5.08 13.74
CA ASN A 234 -6.37 6.07 14.42
C ASN A 234 -7.75 6.03 13.76
N HIS A 235 -8.40 4.87 13.80
CA HIS A 235 -9.49 4.58 12.88
C HIS A 235 -10.88 4.79 13.49
N GLY A 236 -10.97 5.20 14.76
CA GLY A 236 -12.26 5.30 15.42
C GLY A 236 -12.85 6.71 15.41
N ILE A 237 -14.17 6.78 15.59
CA ILE A 237 -14.72 8.10 15.85
C ILE A 237 -14.34 8.54 17.26
N GLU A 238 -14.22 7.60 18.19
CA GLU A 238 -13.70 7.90 19.51
C GLU A 238 -12.18 7.77 19.50
N LYS A 239 -11.54 8.73 20.18
CA LYS A 239 -10.08 8.78 20.18
C LYS A 239 -9.48 7.58 20.89
N THR A 240 -10.23 6.95 21.78
CA THR A 240 -9.77 5.83 22.57
C THR A 240 -10.05 4.48 21.91
N CYS A 241 -10.60 4.47 20.71
CA CYS A 241 -10.93 3.23 20.03
C CYS A 241 -9.72 2.31 19.93
N CYS A 242 -9.88 1.09 20.46
CA CYS A 242 -8.83 0.07 20.53
C CYS A 242 -7.64 0.47 21.39
N GLU A 243 -7.77 1.46 22.26
CA GLU A 243 -6.70 1.75 23.20
C GLU A 243 -6.94 1.03 24.53
N SER A 244 -5.91 1.08 25.38
CA SER A 244 -5.98 0.42 26.68
C SER A 244 -7.16 0.92 27.50
N SER A 245 -7.43 2.23 27.47
CA SER A 245 -8.54 2.81 28.22
C SER A 245 -9.78 3.05 27.34
N GLY A 246 -9.91 2.31 26.24
CA GLY A 246 -11.08 2.44 25.39
C GLY A 246 -11.70 1.10 25.07
N ALA A 247 -12.53 1.05 24.04
CA ALA A 247 -13.22 -0.15 23.61
C ALA A 247 -12.64 -0.68 22.30
N LYS A 248 -12.44 -2.00 22.23
CA LYS A 248 -12.08 -2.64 20.97
C LYS A 248 -13.20 -2.51 19.94
N CYS A 249 -12.82 -2.42 18.67
CA CYS A 249 -13.72 -2.57 17.51
C CYS A 249 -13.18 -3.67 16.61
N CYS A 250 -13.94 -4.04 15.56
CA CYS A 250 -13.51 -5.09 14.64
C CYS A 250 -13.09 -4.55 13.27
N ARG A 251 -12.76 -3.27 13.17
CA ARG A 251 -12.41 -2.68 11.87
C ARG A 251 -11.20 -3.36 11.24
N LYS A 252 -10.08 -3.45 11.97
CA LYS A 252 -8.88 -4.04 11.39
C LYS A 252 -9.05 -5.55 11.21
N GLU A 253 -9.82 -6.21 12.08
CA GLU A 253 -10.12 -7.62 11.90
C GLU A 253 -10.83 -7.89 10.58
N CYS A 254 -11.82 -7.05 10.22
CA CYS A 254 -12.48 -7.20 8.92
C CYS A 254 -11.50 -7.00 7.77
N LEU A 255 -10.63 -6.00 7.88
CA LEU A 255 -9.61 -5.82 6.84
C LEU A 255 -8.76 -7.09 6.71
N LYS A 256 -8.29 -7.64 7.83
CA LYS A 256 -7.42 -8.82 7.76
C LYS A 256 -8.15 -10.00 7.12
N LEU A 257 -9.42 -10.23 7.51
CA LEU A 257 -10.18 -11.34 6.94
C LEU A 257 -10.37 -11.17 5.44
N MET A 258 -10.67 -9.95 4.98
CA MET A 258 -10.90 -9.75 3.57
C MET A 258 -9.61 -9.86 2.77
N LYS A 259 -8.52 -9.31 3.31
CA LYS A 259 -7.22 -9.51 2.68
C LYS A 259 -6.92 -10.99 2.55
N TYR A 260 -7.19 -11.76 3.61
CA TYR A 260 -6.90 -13.18 3.57
C TYR A 260 -7.79 -13.90 2.57
N LEU A 261 -9.08 -13.56 2.55
CA LEU A 261 -9.98 -14.13 1.55
C LEU A 261 -9.44 -13.91 0.15
N LEU A 262 -9.00 -12.69 -0.15
CA LEU A 262 -8.51 -12.41 -1.50
C LEU A 262 -7.20 -13.15 -1.76
N GLU A 263 -6.29 -13.15 -0.79
CA GLU A 263 -5.02 -13.84 -0.96
C GLU A 263 -5.24 -15.33 -1.23
N GLN A 264 -6.17 -15.96 -0.50
CA GLN A 264 -6.44 -17.38 -0.73
C GLN A 264 -7.04 -17.61 -2.11
N LEU A 265 -8.02 -16.77 -2.50
CA LEU A 265 -8.61 -16.93 -3.82
C LEU A 265 -7.59 -16.72 -4.93
N LYS A 266 -6.72 -15.71 -4.78
CA LYS A 266 -5.72 -15.44 -5.80
C LYS A 266 -4.72 -16.59 -5.95
N LYS A 267 -4.38 -17.27 -4.84
CA LYS A 267 -3.50 -18.43 -4.91
C LYS A 267 -4.08 -19.51 -5.80
N GLU A 268 -5.40 -19.69 -5.76
CA GLU A 268 -6.03 -20.79 -6.47
C GLU A 268 -6.38 -20.47 -7.91
N PHE A 269 -6.65 -19.21 -8.23
CA PHE A 269 -7.21 -18.85 -9.52
C PHE A 269 -6.39 -17.72 -10.14
N GLN A 270 -5.63 -18.06 -11.19
CA GLN A 270 -4.88 -17.06 -11.94
C GLN A 270 -5.79 -16.07 -12.65
N GLU A 271 -7.08 -16.37 -12.81
CA GLU A 271 -8.04 -15.40 -13.34
C GLU A 271 -8.12 -14.13 -12.49
N LEU A 272 -7.56 -14.13 -11.29
CA LEU A 272 -7.67 -13.03 -10.35
C LEU A 272 -6.38 -12.22 -10.24
N ASP A 273 -5.43 -12.42 -11.19
CA ASP A 273 -4.14 -11.73 -11.13
C ASP A 273 -4.28 -10.21 -11.05
N ALA A 274 -5.35 -9.64 -11.62
CA ALA A 274 -5.48 -8.19 -11.66
C ALA A 274 -5.86 -7.56 -10.32
N PHE A 275 -6.35 -8.35 -9.38
CA PHE A 275 -6.78 -7.84 -8.08
C PHE A 275 -5.62 -7.84 -7.10
N CYS A 276 -5.66 -6.92 -6.14
CA CYS A 276 -4.60 -6.83 -5.15
C CYS A 276 -5.16 -6.31 -3.84
N SER A 277 -4.35 -6.43 -2.79
CA SER A 277 -4.79 -6.05 -1.45
C SER A 277 -5.17 -4.58 -1.36
N TYR A 278 -4.58 -3.71 -2.20
CA TYR A 278 -4.97 -2.30 -2.15
C TYR A 278 -6.43 -2.09 -2.56
N HIS A 279 -6.99 -2.99 -3.37
CA HIS A 279 -8.42 -2.92 -3.68
C HIS A 279 -9.26 -3.15 -2.43
N VAL A 280 -8.85 -4.12 -1.60
CA VAL A 280 -9.55 -4.38 -0.36
C VAL A 280 -9.40 -3.21 0.60
N LYS A 281 -8.18 -2.68 0.75
CA LYS A 281 -7.97 -1.54 1.62
C LYS A 281 -8.82 -0.35 1.20
N THR A 282 -8.86 -0.07 -0.11
CA THR A 282 -9.64 1.06 -0.62
C THR A 282 -11.12 0.86 -0.35
N ALA A 283 -11.61 -0.36 -0.58
CA ALA A 283 -13.00 -0.68 -0.27
C ALA A 283 -13.31 -0.48 1.20
N ILE A 284 -12.44 -0.96 2.10
CA ILE A 284 -12.78 -0.80 3.51
C ILE A 284 -12.67 0.65 3.96
N PHE A 285 -11.79 1.45 3.35
CA PHE A 285 -11.81 2.89 3.63
C PHE A 285 -13.19 3.48 3.35
N HIS A 286 -13.75 3.18 2.19
CA HIS A 286 -15.09 3.66 1.87
C HIS A 286 -16.13 3.14 2.86
N MET A 287 -16.01 1.86 3.26
CA MET A 287 -16.96 1.28 4.23
C MET A 287 -16.87 1.97 5.60
N TRP A 288 -15.65 2.27 6.05
CA TRP A 288 -15.48 3.01 7.29
C TRP A 288 -16.08 4.42 7.20
N THR A 289 -16.11 4.99 5.99
CA THR A 289 -16.75 6.29 5.80
C THR A 289 -18.27 6.15 5.82
N GLN A 290 -18.78 5.09 5.19
CA GLN A 290 -20.22 4.87 5.12
C GLN A 290 -20.80 4.53 6.49
N ASP A 291 -20.05 3.79 7.31
CA ASP A 291 -20.47 3.33 8.64
C ASP A 291 -19.48 3.86 9.69
N PRO A 292 -19.58 5.16 10.04
CA PRO A 292 -18.51 5.77 10.84
C PRO A 292 -18.54 5.46 12.33
N GLN A 293 -19.67 5.02 12.86
CA GLN A 293 -19.79 4.88 14.31
C GLN A 293 -18.98 3.69 14.80
N ASP A 294 -18.24 3.87 15.89
CA ASP A 294 -17.54 2.74 16.50
C ASP A 294 -18.51 1.63 16.88
N SER A 295 -19.73 1.99 17.31
CA SER A 295 -20.72 0.96 17.66
C SER A 295 -21.11 0.09 16.47
N GLN A 296 -20.99 0.62 15.25
CA GLN A 296 -21.27 -0.20 14.07
C GLN A 296 -20.21 -1.28 13.88
N TRP A 297 -19.05 -1.13 14.51
CA TRP A 297 -17.93 -2.07 14.41
C TRP A 297 -17.64 -2.73 15.76
N ASP A 298 -18.67 -3.00 16.54
CA ASP A 298 -18.48 -3.69 17.81
C ASP A 298 -17.90 -5.08 17.54
N PRO A 299 -16.99 -5.58 18.40
CA PRO A 299 -16.42 -6.92 18.14
C PRO A 299 -17.47 -8.01 17.98
N ARG A 300 -18.59 -7.90 18.69
CA ARG A 300 -19.63 -8.92 18.54
C ARG A 300 -20.25 -8.95 17.15
N ASN A 301 -20.12 -7.86 16.39
CA ASN A 301 -20.64 -7.76 15.02
C ASN A 301 -19.65 -8.25 13.97
N LEU A 302 -18.57 -8.95 14.37
CA LEU A 302 -17.55 -9.34 13.41
C LEU A 302 -18.15 -9.97 12.17
N SER A 303 -19.05 -10.95 12.35
CA SER A 303 -19.61 -11.64 11.20
C SER A 303 -20.45 -10.73 10.33
N SER A 304 -21.31 -9.90 10.93
CA SER A 304 -22.17 -9.07 10.11
C SER A 304 -21.37 -7.95 9.45
N CYS A 305 -20.32 -7.45 10.12
CA CYS A 305 -19.49 -6.43 9.51
C CYS A 305 -18.70 -6.99 8.34
N PHE A 306 -18.15 -8.20 8.49
CA PHE A 306 -17.47 -8.84 7.37
C PHE A 306 -18.43 -9.05 6.23
N ASP A 307 -19.67 -9.45 6.53
CA ASP A 307 -20.62 -9.66 5.45
C ASP A 307 -20.94 -8.37 4.72
N LYS A 308 -21.06 -7.25 5.44
CA LYS A 308 -21.41 -6.01 4.75
C LYS A 308 -20.22 -5.49 3.92
N LEU A 309 -18.99 -5.75 4.35
CA LEU A 309 -17.83 -5.43 3.53
C LEU A 309 -17.83 -6.26 2.25
N LEU A 310 -18.12 -7.56 2.36
CA LEU A 310 -18.25 -8.40 1.16
C LEU A 310 -19.34 -7.87 0.23
N ALA A 311 -20.51 -7.54 0.79
CA ALA A 311 -21.58 -6.97 -0.02
C ALA A 311 -21.13 -5.69 -0.71
N PHE A 312 -20.43 -4.82 0.01
CA PHE A 312 -19.98 -3.58 -0.62
C PHE A 312 -18.99 -3.87 -1.74
N PHE A 313 -18.02 -4.77 -1.50
CA PHE A 313 -17.08 -5.13 -2.54
C PHE A 313 -17.78 -5.72 -3.76
N LEU A 314 -18.79 -6.56 -3.54
CA LEU A 314 -19.54 -7.12 -4.65
C LEU A 314 -20.23 -6.03 -5.46
N GLU A 315 -20.71 -4.98 -4.78
CA GLU A 315 -21.33 -3.86 -5.47
C GLU A 315 -20.31 -3.10 -6.32
N CYS A 316 -19.10 -2.88 -5.78
CA CYS A 316 -18.04 -2.27 -6.58
C CYS A 316 -17.72 -3.10 -7.81
N LEU A 317 -17.70 -4.42 -7.66
CA LEU A 317 -17.45 -5.29 -8.80
C LEU A 317 -18.58 -5.18 -9.82
N ARG A 318 -19.82 -5.18 -9.35
CA ARG A 318 -20.97 -5.15 -10.27
C ARG A 318 -21.02 -3.85 -11.07
N THR A 319 -20.73 -2.73 -10.40
CA THR A 319 -20.78 -1.43 -11.06
C THR A 319 -19.45 -1.04 -11.67
N GLU A 320 -18.41 -1.88 -11.53
CA GLU A 320 -17.08 -1.60 -12.06
C GLU A 320 -16.61 -0.22 -11.60
N LYS A 321 -16.77 0.03 -10.31
CA LYS A 321 -16.44 1.32 -9.72
C LYS A 321 -15.85 1.10 -8.34
N LEU A 322 -14.58 1.48 -8.17
CA LEU A 322 -13.91 1.54 -6.87
C LEU A 322 -12.98 2.74 -6.96
N ASP A 323 -13.41 3.87 -6.41
CA ASP A 323 -12.65 5.11 -6.50
C ASP A 323 -11.48 5.09 -5.52
N HIS A 324 -10.30 5.48 -5.98
CA HIS A 324 -9.19 5.72 -5.08
C HIS A 324 -9.65 6.65 -3.97
N TYR A 325 -9.32 6.30 -2.72
CA TYR A 325 -9.87 7.04 -1.58
C TYR A 325 -9.39 8.49 -1.55
N PHE A 326 -8.21 8.75 -2.13
CA PHE A 326 -7.60 10.07 -2.09
C PHE A 326 -7.74 10.81 -3.38
N ILE A 327 -8.08 10.09 -4.46
CA ILE A 327 -8.11 10.64 -5.81
C ILE A 327 -9.43 10.21 -6.43
N PRO A 328 -10.52 10.95 -6.18
CA PRO A 328 -11.86 10.41 -6.47
C PRO A 328 -12.12 10.06 -7.93
N LYS A 329 -11.48 10.74 -8.89
CA LYS A 329 -11.72 10.43 -10.30
C LYS A 329 -10.92 9.24 -10.80
N PHE A 330 -10.00 8.71 -10.00
CA PHE A 330 -9.19 7.54 -10.35
C PHE A 330 -9.98 6.30 -9.95
N ASN A 331 -10.59 5.62 -10.93
CA ASN A 331 -11.40 4.44 -10.70
C ASN A 331 -10.53 3.19 -10.85
N LEU A 332 -10.23 2.54 -9.72
CA LEU A 332 -9.37 1.36 -9.72
C LEU A 332 -10.02 0.17 -10.41
N PHE A 333 -11.35 0.16 -10.53
CA PHE A 333 -12.09 -0.94 -11.13
C PHE A 333 -12.60 -0.58 -12.50
N SER A 334 -11.99 0.40 -13.17
CA SER A 334 -12.48 0.78 -14.49
C SER A 334 -12.37 -0.40 -15.45
N GLN A 335 -13.24 -0.41 -16.46
CA GLN A 335 -13.13 -1.43 -17.50
C GLN A 335 -11.74 -1.40 -18.14
N GLU A 336 -11.11 -0.22 -18.17
CA GLU A 336 -9.80 -0.07 -18.76
C GLU A 336 -8.73 -0.84 -17.99
N LEU A 337 -8.85 -0.89 -16.65
CA LEU A 337 -7.81 -1.52 -15.83
C LEU A 337 -8.08 -2.99 -15.53
N ILE A 338 -9.34 -3.41 -15.45
CA ILE A 338 -9.68 -4.78 -15.10
C ILE A 338 -10.85 -5.22 -15.97
N ASP A 339 -10.66 -6.32 -16.70
CA ASP A 339 -11.70 -6.86 -17.57
C ASP A 339 -12.98 -7.11 -16.80
N ARG A 340 -14.11 -6.78 -17.44
CA ARG A 340 -15.40 -7.21 -16.92
C ARG A 340 -15.38 -8.70 -16.59
N LYS A 341 -14.65 -9.49 -17.37
CA LYS A 341 -14.56 -10.93 -17.15
C LYS A 341 -13.97 -11.24 -15.78
N SER A 342 -12.94 -10.49 -15.38
CA SER A 342 -12.27 -10.78 -14.12
C SER A 342 -13.15 -10.40 -12.94
N LYS A 343 -13.92 -9.32 -13.07
CA LYS A 343 -14.80 -8.90 -11.97
C LYS A 343 -15.92 -9.90 -11.76
N GLU A 344 -16.50 -10.41 -12.86
CA GLU A 344 -17.58 -11.37 -12.75
C GLU A 344 -17.08 -12.69 -12.15
N PHE A 345 -15.88 -13.11 -12.54
CA PHE A 345 -15.27 -14.30 -11.95
C PHE A 345 -15.05 -14.13 -10.45
N LEU A 346 -14.49 -12.99 -10.03
CA LEU A 346 -14.31 -12.76 -8.60
C LEU A 346 -15.64 -12.64 -7.87
N SER A 347 -16.64 -12.01 -8.49
CA SER A 347 -17.96 -11.94 -7.85
C SER A 347 -18.52 -13.34 -7.62
N LYS A 348 -18.39 -14.21 -8.61
CA LYS A 348 -18.88 -15.58 -8.47
C LYS A 348 -18.18 -16.31 -7.34
N LYS A 349 -16.86 -16.15 -7.24
CA LYS A 349 -16.08 -16.84 -6.21
C LYS A 349 -16.42 -16.32 -4.83
N ILE A 350 -16.55 -15.00 -4.67
CA ILE A 350 -16.87 -14.44 -3.36
C ILE A 350 -18.26 -14.87 -2.93
N GLU A 351 -19.22 -14.88 -3.87
CA GLU A 351 -20.57 -15.31 -3.53
C GLU A 351 -20.59 -16.76 -3.09
N TYR A 352 -19.80 -17.61 -3.75
CA TYR A 352 -19.73 -19.01 -3.36
C TYR A 352 -19.24 -19.16 -1.93
N GLU A 353 -18.09 -18.54 -1.61
CA GLU A 353 -17.53 -18.64 -0.26
C GLU A 353 -18.55 -18.15 0.78
N ARG A 354 -19.24 -17.07 0.46
CA ARG A 354 -20.16 -16.43 1.40
C ARG A 354 -21.35 -17.33 1.73
N ASN A 355 -21.84 -18.07 0.74
CA ASN A 355 -23.03 -18.88 0.93
C ASN A 355 -22.71 -20.28 1.41
N ASN A 356 -21.43 -20.66 1.53
CA ASN A 356 -21.06 -22.01 1.88
C ASN A 356 -20.10 -22.07 3.06
N GLY A 357 -20.08 -21.04 3.91
CA GLY A 357 -19.27 -21.08 5.12
C GLY A 357 -17.79 -20.93 4.91
N PHE A 358 -17.39 -20.23 3.86
CA PHE A 358 -16.00 -19.89 3.60
C PHE A 358 -15.03 -21.09 3.64
N PRO A 359 -15.23 -22.09 2.78
CA PRO A 359 -14.32 -23.23 2.77
C PRO A 359 -12.89 -22.87 2.40
N ILE A 360 -12.68 -21.77 1.68
CA ILE A 360 -11.31 -21.43 1.30
C ILE A 360 -10.48 -21.00 2.50
N PHE A 361 -11.13 -20.62 3.60
CA PHE A 361 -10.39 -20.31 4.81
C PHE A 361 -9.77 -21.58 5.42
N ASP A 362 -10.41 -22.73 5.20
CA ASP A 362 -9.94 -23.99 5.78
C ASP A 362 -8.54 -24.38 5.28
N LYS A 363 -8.18 -23.96 4.06
CA LYS A 363 -6.89 -24.30 3.45
C LYS A 363 -5.74 -24.24 4.44
ZN ZN B . -10.87 0.33 16.96
PG ATP C . 0.19 -6.78 1.57
O1G ATP C . -0.83 -7.45 0.70
O2G ATP C . -0.24 -6.67 3.05
O3G ATP C . 1.59 -7.42 1.52
PB ATP C . 0.80 -4.46 -0.23
O1B ATP C . 1.27 -5.36 -1.31
O2B ATP C . -0.39 -3.56 -0.56
O3B ATP C . 0.42 -5.27 1.09
PA ATP C . 2.32 -2.72 1.65
O1A ATP C . 3.67 -3.03 2.15
O2A ATP C . 1.17 -2.99 2.62
O3A ATP C . 1.97 -3.52 0.30
O5' ATP C . 2.18 -1.21 1.18
C5' ATP C . 0.88 -0.57 1.13
C4' ATP C . 0.93 0.52 0.09
O4' ATP C . 0.84 -0.06 -1.22
C3' ATP C . -0.24 1.51 0.16
O3' ATP C . 0.12 2.68 0.90
C2' ATP C . -0.55 1.84 -1.30
O2' ATP C . -0.35 3.21 -1.60
C1' ATP C . 0.41 0.95 -2.10
N9 ATP C . -0.19 0.32 -3.27
C8 ATP C . -0.10 -1.01 -3.63
N7 ATP C . -0.74 -1.31 -4.73
C5 ATP C . -1.29 -0.09 -5.14
C6 ATP C . -2.10 0.27 -6.24
N6 ATP C . -2.50 -0.58 -7.18
N1 ATP C . -2.47 1.57 -6.33
C2 ATP C . -2.07 2.43 -5.39
N3 ATP C . -1.32 2.20 -4.32
C4 ATP C . -0.96 0.92 -4.24
#